data_4CP1
#
_entry.id   4CP1
#
_cell.length_a   66.660
_cell.length_b   66.660
_cell.length_c   117.670
_cell.angle_alpha   90.00
_cell.angle_beta   90.00
_cell.angle_gamma   120.00
#
_symmetry.space_group_name_H-M   'P 31 2 1'
#
loop_
_entity.id
_entity.type
_entity.pdbx_description
1 polymer 'EPITHELIAL ADHESIN 9'
2 branched beta-D-galactopyranose-(1-3)-2-acetamido-2-deoxy-beta-D-glucopyranose
3 non-polymer 'CALCIUM ION'
4 non-polymer 'CHLORIDE ION'
5 water water
#
_entity_poly.entity_id   1
_entity_poly.type   'polypeptide(L)'
_entity_poly.pdbx_seq_one_letter_code
;MGSSHHHHHHSSGLVPRGSHMASDITPFAHYPRPEGCSSPPNAVSVGLHMDLYNYPYLYVKNPRTGFTNDTDSDADGETD
GDSAGGIEGRAGQCWNPEYQDPNFPRYGYKKYGSFGSSDHVNGKISWDHNEFKEGCKPIMARLPTAYNYPAKITFSNFTM
VLSGYFKPKSTGLYKFEIHADDFILFNFGSKNAFECCNREESIDNFGPYVAYAMWPNEADQELEVYLFEDSYYPIRLFYN
NRDYHSKFMVGFYPPNTEEITYDFDGYLYMLDDTGNECKDSIRYKTVCDD
;
_entity_poly.pdbx_strand_id   A
#
# COMPACT_ATOMS: atom_id res chain seq x y z
N HIS A 30 1.86 -10.08 -24.95
CA HIS A 30 1.49 -10.85 -23.73
C HIS A 30 1.24 -9.91 -22.51
N TYR A 31 1.02 -10.52 -21.36
CA TYR A 31 0.83 -9.78 -20.12
C TYR A 31 2.15 -9.30 -19.51
N PRO A 32 2.09 -8.24 -18.69
CA PRO A 32 3.28 -7.78 -17.97
C PRO A 32 3.88 -8.87 -17.06
N ARG A 33 5.20 -8.95 -17.07
CA ARG A 33 5.95 -9.95 -16.32
C ARG A 33 7.03 -9.23 -15.51
N PRO A 34 6.63 -8.71 -14.34
CA PRO A 34 7.50 -7.94 -13.46
C PRO A 34 8.67 -8.75 -12.90
N GLU A 35 9.65 -8.03 -12.37
CA GLU A 35 10.86 -8.66 -11.90
C GLU A 35 10.72 -8.89 -10.40
N GLY A 36 11.28 -10.00 -9.93
CA GLY A 36 11.25 -10.38 -8.52
C GLY A 36 12.62 -10.66 -7.91
N CYS A 37 12.60 -11.18 -6.67
CA CYS A 37 13.81 -11.43 -5.85
C CYS A 37 13.84 -12.83 -5.28
N SER A 38 15.03 -13.28 -4.87
CA SER A 38 15.23 -14.59 -4.24
C SER A 38 15.79 -14.34 -2.87
N SER A 39 15.49 -15.24 -1.93
CA SER A 39 16.17 -15.23 -0.62
C SER A 39 16.10 -16.59 0.10
N PRO A 40 17.22 -16.98 0.72
CA PRO A 40 17.16 -18.06 1.72
C PRO A 40 15.99 -17.85 2.70
N PRO A 41 15.21 -18.91 2.97
CA PRO A 41 14.08 -18.87 3.92
C PRO A 41 14.36 -18.23 5.32
N ASN A 42 15.60 -18.30 5.80
CA ASN A 42 15.96 -17.72 7.11
C ASN A 42 16.20 -16.19 7.06
N ALA A 43 16.36 -15.65 5.85
CA ALA A 43 16.35 -14.20 5.63
C ALA A 43 14.94 -13.67 5.35
N VAL A 44 13.94 -14.54 5.42
CA VAL A 44 12.56 -14.18 5.18
C VAL A 44 11.71 -14.12 6.46
N SER A 45 10.90 -13.06 6.59
CA SER A 45 9.93 -12.98 7.65
C SER A 45 8.57 -12.57 7.10
N VAL A 46 7.55 -12.68 7.96
CA VAL A 46 6.16 -12.48 7.52
C VAL A 46 5.75 -11.02 7.51
N GLY A 47 5.05 -10.63 6.46
CA GLY A 47 4.33 -9.35 6.44
C GLY A 47 5.11 -8.10 6.06
N LEU A 48 4.37 -7.01 5.92
CA LEU A 48 4.89 -5.77 5.38
C LEU A 48 5.28 -4.82 6.50
N HIS A 49 6.00 -3.76 6.10
CA HIS A 49 6.28 -2.63 6.95
C HIS A 49 5.31 -1.49 6.66
N MET A 50 4.87 -0.79 7.72
CA MET A 50 3.98 0.37 7.62
C MET A 50 4.60 1.65 8.20
N ASP A 51 4.47 2.76 7.47
CA ASP A 51 4.79 4.06 8.04
C ASP A 51 3.57 4.92 7.89
N LEU A 52 3.18 5.60 8.97
CA LEU A 52 2.04 6.53 9.03
C LEU A 52 2.55 7.96 9.15
N TYR A 53 1.99 8.84 8.34
CA TYR A 53 2.45 10.23 8.29
C TYR A 53 1.25 11.16 8.53
N ASN A 54 1.52 12.31 9.13
CA ASN A 54 0.46 13.28 9.35
C ASN A 54 0.00 13.88 8.05
N TYR A 55 -1.30 14.17 7.96
CA TYR A 55 -1.88 14.88 6.81
C TYR A 55 -2.92 15.87 7.31
N PRO A 56 -2.49 17.09 7.66
CA PRO A 56 -3.41 18.04 8.28
C PRO A 56 -4.51 18.60 7.39
N TYR A 57 -5.63 18.99 8.00
CA TYR A 57 -6.59 19.87 7.32
C TYR A 57 -5.99 21.26 7.16
N LEU A 58 -6.54 22.04 6.23
CA LEU A 58 -6.20 23.43 6.17
C LEU A 58 -6.69 24.11 7.44
N TYR A 59 -7.95 23.88 7.80
CA TYR A 59 -8.50 24.35 9.09
C TYR A 59 -9.50 23.34 9.64
N VAL A 60 -9.68 23.36 10.96
CA VAL A 60 -10.64 22.47 11.63
C VAL A 60 -11.83 23.26 12.18
N LYS A 61 -13.03 22.87 11.71
CA LYS A 61 -14.33 23.48 12.06
C LYS A 61 -14.60 23.62 13.57
N GLN A 93 -12.44 25.33 0.71
CA GLN A 93 -12.44 23.92 1.12
C GLN A 93 -11.59 23.68 2.39
N CYS A 94 -12.11 22.88 3.32
CA CYS A 94 -11.43 22.60 4.61
C CYS A 94 -10.22 21.69 4.51
N TRP A 95 -10.26 20.77 3.53
CA TRP A 95 -9.20 19.81 3.29
C TRP A 95 -8.03 20.32 2.43
N ASN A 96 -6.87 19.75 2.67
CA ASN A 96 -5.63 20.11 2.00
C ASN A 96 -5.54 19.43 0.62
N PRO A 97 -5.40 20.22 -0.45
CA PRO A 97 -5.34 19.64 -1.79
C PRO A 97 -3.92 19.19 -2.19
N GLU A 98 -3.00 19.28 -1.26
CA GLU A 98 -1.59 18.94 -1.50
C GLU A 98 -1.38 17.52 -2.03
N TYR A 99 -2.18 16.59 -1.51
CA TYR A 99 -2.11 15.18 -1.93
C TYR A 99 -2.22 15.02 -3.48
N GLN A 100 -2.87 15.97 -4.14
CA GLN A 100 -2.95 16.02 -5.59
C GLN A 100 -1.68 16.48 -6.31
N ASP A 101 -0.76 17.18 -5.65
CA ASP A 101 0.47 17.66 -6.33
C ASP A 101 1.28 16.41 -6.76
N PRO A 102 1.82 16.43 -7.99
CA PRO A 102 2.60 15.24 -8.48
C PRO A 102 3.89 14.91 -7.66
N ASN A 103 4.42 15.89 -6.95
CA ASN A 103 5.60 15.64 -6.12
C ASN A 103 5.28 15.09 -4.75
N PHE A 104 4.01 14.97 -4.42
CA PHE A 104 3.60 14.56 -3.09
C PHE A 104 3.95 13.11 -2.82
N PRO A 105 3.60 12.20 -3.74
CA PRO A 105 3.93 10.78 -3.47
C PRO A 105 5.43 10.49 -3.39
N ARG A 106 6.26 11.30 -4.02
CA ARG A 106 7.69 11.05 -3.97
C ARG A 106 8.41 11.75 -2.81
N TYR A 107 8.08 13.00 -2.51
CA TYR A 107 8.71 13.66 -1.37
C TYR A 107 7.76 14.40 -0.44
N GLY A 108 6.70 15.01 -0.95
CA GLY A 108 5.82 15.83 -0.13
C GLY A 108 5.13 15.13 1.02
N TYR A 109 4.88 13.85 0.87
CA TYR A 109 4.09 13.10 1.84
C TYR A 109 4.73 13.03 3.23
N LYS A 110 6.04 13.26 3.30
CA LYS A 110 6.78 13.22 4.56
C LYS A 110 6.92 14.58 5.23
N LYS A 111 6.38 15.62 4.61
CA LYS A 111 6.70 16.95 5.06
C LYS A 111 5.96 17.42 6.33
N TYR A 112 4.90 16.73 6.76
CA TYR A 112 4.22 17.01 8.01
C TYR A 112 4.67 16.07 9.12
N GLY A 113 5.66 15.25 8.81
CA GLY A 113 6.22 14.35 9.79
C GLY A 113 5.44 13.05 9.82
N SER A 114 6.01 12.07 10.52
CA SER A 114 5.38 10.81 10.71
C SER A 114 4.73 10.77 12.08
N PHE A 115 3.89 9.76 12.31
CA PHE A 115 3.44 9.50 13.68
C PHE A 115 3.46 8.04 14.17
N GLY A 116 3.71 7.09 13.28
CA GLY A 116 3.74 5.67 13.69
C GLY A 116 4.23 4.72 12.62
N SER A 117 4.53 3.51 13.03
CA SER A 117 5.02 2.48 12.10
C SER A 117 4.68 1.14 12.70
N SER A 118 4.65 0.10 11.87
CA SER A 118 4.48 -1.26 12.33
C SER A 118 5.19 -2.22 11.40
N ASP A 119 5.33 -3.46 11.82
CA ASP A 119 5.92 -4.49 10.97
C ASP A 119 5.03 -5.70 11.00
N HIS A 120 5.40 -6.70 10.22
CA HIS A 120 4.65 -7.94 10.13
C HIS A 120 3.18 -7.75 9.74
N VAL A 121 2.87 -6.67 9.02
CA VAL A 121 1.52 -6.42 8.55
C VAL A 121 1.10 -7.51 7.58
N ASN A 122 0.19 -8.39 8.02
CA ASN A 122 -0.26 -9.52 7.23
C ASN A 122 -1.75 -9.70 7.35
N GLY A 123 -2.33 -10.32 6.32
CA GLY A 123 -3.75 -10.76 6.34
C GLY A 123 -4.74 -9.82 5.66
N LYS A 124 -5.75 -9.39 6.41
CA LYS A 124 -6.85 -8.57 5.91
C LYS A 124 -6.59 -7.10 6.15
N ILE A 125 -5.97 -6.49 5.17
CA ILE A 125 -5.41 -5.15 5.30
C ILE A 125 -6.32 -4.07 4.72
N SER A 126 -7.35 -4.46 3.96
CA SER A 126 -8.34 -3.53 3.44
C SER A 126 -9.36 -3.10 4.50
N TRP A 127 -10.00 -1.98 4.21
CA TRP A 127 -11.05 -1.41 5.01
C TRP A 127 -11.91 -0.49 4.17
N ASP A 128 -13.13 -0.28 4.66
CA ASP A 128 -14.04 0.67 4.11
C ASP A 128 -14.86 1.33 5.26
N HIS A 129 -14.37 2.48 5.71
CA HIS A 129 -15.03 3.25 6.76
C HIS A 129 -15.90 4.33 6.09
N ASN A 130 -17.22 4.10 6.08
CA ASN A 130 -18.19 5.12 5.62
C ASN A 130 -19.27 5.43 6.65
N GLU A 131 -18.95 5.12 7.91
CA GLU A 131 -19.85 5.34 9.04
C GLU A 131 -19.65 6.72 9.66
N PHE A 132 -18.56 7.41 9.32
CA PHE A 132 -18.27 8.71 9.95
C PHE A 132 -19.39 9.65 9.55
N LYS A 133 -19.85 10.47 10.50
CA LYS A 133 -20.97 11.37 10.27
C LYS A 133 -20.52 12.80 10.03
N GLU A 134 -19.31 13.16 10.48
CA GLU A 134 -18.85 14.54 10.31
C GLU A 134 -17.63 14.70 9.43
N GLY A 135 -17.71 15.67 8.52
CA GLY A 135 -16.60 16.04 7.67
C GLY A 135 -15.85 17.23 8.26
N CYS A 136 -14.68 17.49 7.70
CA CYS A 136 -13.88 18.66 8.01
C CYS A 136 -13.43 18.66 9.44
N LYS A 137 -13.29 17.46 9.99
CA LYS A 137 -12.73 17.35 11.30
C LYS A 137 -12.06 16.00 11.50
N PRO A 138 -11.01 15.98 12.33
CA PRO A 138 -10.33 14.74 12.69
C PRO A 138 -11.20 13.80 13.46
N ILE A 139 -11.19 12.55 13.06
CA ILE A 139 -11.94 11.50 13.70
C ILE A 139 -10.98 10.41 14.03
N MET A 140 -11.02 9.95 15.27
CA MET A 140 -10.10 8.94 15.75
C MET A 140 -10.71 7.57 15.57
N ALA A 141 -9.96 6.65 14.96
CA ALA A 141 -10.41 5.26 14.82
C ALA A 141 -9.21 4.35 14.64
N ARG A 142 -9.42 3.04 14.80
CA ARG A 142 -8.33 2.05 14.70
C ARG A 142 -8.22 1.34 13.34
N LEU A 143 -6.99 0.99 12.99
CA LEU A 143 -6.72 0.20 11.80
C LEU A 143 -7.16 -1.24 12.00
N PRO A 144 -7.36 -1.99 10.91
CA PRO A 144 -7.59 -3.41 11.12
C PRO A 144 -6.45 -4.04 11.95
N THR A 145 -6.74 -5.14 12.65
CA THR A 145 -5.71 -5.82 13.47
C THR A 145 -4.55 -6.37 12.62
N ALA A 146 -4.74 -6.44 11.32
CA ALA A 146 -3.67 -6.86 10.42
C ALA A 146 -2.44 -5.99 10.59
N TYR A 147 -2.62 -4.73 11.01
CA TYR A 147 -1.52 -3.75 11.01
C TYR A 147 -0.63 -3.76 12.25
N ASN A 148 -0.97 -4.57 13.24
CA ASN A 148 -0.21 -4.64 14.50
C ASN A 148 0.05 -3.27 15.08
N TYR A 149 -0.93 -2.37 14.91
CA TYR A 149 -0.85 -1.02 15.40
C TYR A 149 -2.06 -0.70 16.29
N PRO A 150 -1.84 -0.63 17.62
CA PRO A 150 -2.91 -0.53 18.60
C PRO A 150 -3.55 0.84 18.79
N ALA A 151 -2.78 1.92 18.69
CA ALA A 151 -3.33 3.27 18.86
C ALA A 151 -4.35 3.64 17.80
N LYS A 152 -5.36 4.40 18.19
CA LYS A 152 -6.17 5.10 17.22
C LYS A 152 -5.35 6.12 16.43
N ILE A 153 -5.77 6.31 15.19
CA ILE A 153 -5.22 7.34 14.33
C ILE A 153 -6.30 8.33 13.90
N THR A 154 -5.87 9.48 13.39
CA THR A 154 -6.72 10.43 12.68
C THR A 154 -7.07 9.79 11.31
N PHE A 155 -8.04 8.85 11.35
CA PHE A 155 -8.50 8.09 10.19
C PHE A 155 -9.12 9.00 9.14
N SER A 156 -9.66 10.14 9.58
CA SER A 156 -10.17 11.17 8.68
C SER A 156 -9.09 11.76 7.77
N ASN A 157 -7.85 11.77 8.22
CA ASN A 157 -6.81 12.50 7.51
C ASN A 157 -5.41 12.05 7.87
N PHE A 158 -4.82 11.26 6.96
CA PHE A 158 -3.48 10.66 7.18
C PHE A 158 -2.96 10.08 5.91
N THR A 159 -1.66 9.80 5.94
CA THR A 159 -0.98 9.16 4.82
C THR A 159 -0.27 7.91 5.33
N MET A 160 -0.25 6.86 4.51
CA MET A 160 0.36 5.59 4.90
C MET A 160 1.17 5.00 3.76
N VAL A 161 2.33 4.44 4.07
CA VAL A 161 3.06 3.68 3.10
C VAL A 161 3.32 2.28 3.60
N LEU A 162 2.83 1.31 2.82
CA LEU A 162 3.02 -0.09 3.08
C LEU A 162 3.93 -0.65 2.02
N SER A 163 5.02 -1.26 2.48
CA SER A 163 5.97 -1.86 1.60
C SER A 163 6.53 -3.20 2.12
N GLY A 164 7.02 -4.00 1.18
CA GLY A 164 7.58 -5.32 1.42
C GLY A 164 7.39 -6.16 0.15
N TYR A 165 7.07 -7.44 0.29
CA TYR A 165 7.14 -8.34 -0.85
C TYR A 165 5.88 -9.18 -0.96
N PHE A 166 5.49 -9.44 -2.21
CA PHE A 166 4.35 -10.29 -2.53
C PHE A 166 4.92 -11.55 -3.16
N LYS A 167 4.60 -12.72 -2.59
CA LYS A 167 5.06 -13.99 -3.12
C LYS A 167 3.85 -14.80 -3.53
N PRO A 168 3.70 -15.14 -4.83
CA PRO A 168 2.52 -15.89 -5.24
C PRO A 168 2.61 -17.33 -4.79
N LYS A 169 1.47 -17.93 -4.47
CA LYS A 169 1.39 -19.34 -4.05
C LYS A 169 1.47 -20.26 -5.24
N SER A 170 1.30 -19.72 -6.45
CA SER A 170 1.60 -20.47 -7.68
C SER A 170 1.89 -19.57 -8.86
N THR A 171 2.60 -20.12 -9.83
CA THR A 171 2.93 -19.43 -11.05
C THR A 171 1.68 -19.18 -11.91
N GLY A 172 1.61 -18.03 -12.55
CA GLY A 172 0.42 -17.67 -13.33
C GLY A 172 0.03 -16.22 -13.21
N LEU A 173 -1.12 -15.91 -13.80
CA LEU A 173 -1.56 -14.55 -13.97
C LEU A 173 -2.40 -14.12 -12.79
N TYR A 174 -2.02 -12.97 -12.24
CA TYR A 174 -2.68 -12.40 -11.07
C TYR A 174 -3.33 -11.11 -11.48
N LYS A 175 -4.59 -10.93 -11.10
CA LYS A 175 -5.22 -9.64 -11.30
C LYS A 175 -5.44 -8.99 -9.95
N PHE A 176 -4.99 -7.74 -9.82
CA PHE A 176 -5.26 -6.91 -8.65
C PHE A 176 -6.31 -5.87 -8.94
N GLU A 177 -6.99 -5.47 -7.90
CA GLU A 177 -8.07 -4.56 -8.01
C GLU A 177 -7.97 -3.64 -6.83
N ILE A 178 -8.02 -2.34 -7.07
CA ILE A 178 -8.03 -1.35 -5.99
C ILE A 178 -9.20 -0.38 -6.05
N HIS A 179 -9.64 0.05 -4.88
CA HIS A 179 -10.75 1.00 -4.71
C HIS A 179 -10.36 1.96 -3.62
N ALA A 180 -10.37 3.25 -3.94
CA ALA A 180 -9.74 4.26 -3.10
C ALA A 180 -10.66 5.40 -2.70
N ASP A 181 -10.53 5.79 -1.42
CA ASP A 181 -10.97 7.07 -0.92
C ASP A 181 -9.96 7.52 0.15
N ASP A 182 -9.11 8.51 -0.12
CA ASP A 182 -9.09 9.31 -1.37
C ASP A 182 -8.16 8.83 -2.51
N PHE A 183 -7.02 8.24 -2.14
CA PHE A 183 -5.90 8.10 -3.04
C PHE A 183 -5.05 6.87 -2.72
N ILE A 184 -4.85 6.02 -3.73
CA ILE A 184 -4.02 4.83 -3.62
C ILE A 184 -3.10 4.79 -4.82
N LEU A 185 -1.82 4.57 -4.55
CA LEU A 185 -0.84 4.27 -5.59
C LEU A 185 -0.29 2.87 -5.39
N PHE A 186 -0.06 2.18 -6.51
CA PHE A 186 0.35 0.78 -6.49
C PHE A 186 1.59 0.68 -7.35
N ASN A 187 2.71 0.42 -6.70
CA ASN A 187 3.94 0.03 -7.40
C ASN A 187 4.31 -1.42 -7.09
N PHE A 188 4.82 -2.10 -8.11
CA PHE A 188 4.99 -3.54 -8.03
C PHE A 188 6.08 -4.00 -8.96
N GLY A 189 7.08 -4.68 -8.42
CA GLY A 189 8.24 -5.14 -9.16
C GLY A 189 9.60 -4.54 -8.74
N SER A 190 10.69 -5.27 -8.98
CA SER A 190 12.02 -4.76 -8.64
C SER A 190 12.48 -3.63 -9.53
N LYS A 191 11.84 -3.38 -10.66
CA LYS A 191 12.19 -2.23 -11.51
C LYS A 191 11.07 -1.21 -11.52
N ASN A 192 10.21 -1.29 -10.50
CA ASN A 192 9.08 -0.41 -10.37
C ASN A 192 8.75 0.03 -8.94
N ALA A 193 8.87 -0.86 -7.97
CA ALA A 193 8.52 -0.54 -6.59
C ALA A 193 9.77 -0.11 -5.85
N PHE A 194 10.72 -1.05 -5.72
CA PHE A 194 11.99 -0.79 -5.06
C PHE A 194 12.96 -1.94 -5.35
N GLU A 195 14.22 -1.75 -4.96
CA GLU A 195 15.27 -2.74 -5.23
C GLU A 195 15.21 -3.95 -4.28
N CYS A 196 15.45 -5.15 -4.80
CA CYS A 196 15.57 -6.32 -3.95
C CYS A 196 16.56 -6.11 -2.78
N CYS A 197 16.10 -6.45 -1.57
CA CYS A 197 16.92 -6.40 -0.35
C CYS A 197 17.53 -5.03 -0.03
N ASN A 198 16.88 -3.97 -0.52
CA ASN A 198 17.38 -2.62 -0.34
C ASN A 198 16.21 -1.65 -0.20
N ARG A 199 15.20 -2.10 0.56
CA ARG A 199 13.93 -1.44 0.61
C ARG A 199 13.99 -0.07 1.26
N GLU A 200 14.51 0.05 2.49
CA GLU A 200 14.63 1.36 3.19
C GLU A 200 15.15 2.50 2.32
N GLU A 201 16.35 2.30 1.76
CA GLU A 201 17.03 3.29 0.94
C GLU A 201 16.26 3.59 -0.35
N SER A 202 15.78 2.57 -1.05
CA SER A 202 15.17 2.78 -2.37
C SER A 202 13.64 2.99 -2.40
N ILE A 203 13.00 3.14 -1.25
CA ILE A 203 11.51 3.15 -1.16
C ILE A 203 10.80 4.25 -2.00
N ASP A 204 11.48 5.38 -2.21
CA ASP A 204 10.90 6.49 -2.99
C ASP A 204 11.55 6.62 -4.36
N ASN A 205 12.05 5.50 -4.89
CA ASN A 205 12.66 5.47 -6.21
C ASN A 205 11.78 4.64 -7.12
N PHE A 206 10.49 4.69 -6.83
CA PHE A 206 9.49 3.99 -7.61
C PHE A 206 9.31 4.62 -8.99
N GLY A 207 8.87 3.79 -9.92
CA GLY A 207 8.61 4.18 -11.28
C GLY A 207 7.14 4.55 -11.51
N PRO A 208 6.77 4.72 -12.78
CA PRO A 208 5.43 5.07 -13.18
C PRO A 208 4.45 4.05 -12.65
N TYR A 209 3.33 4.53 -12.14
CA TYR A 209 2.45 3.73 -11.30
C TYR A 209 1.89 2.54 -12.06
N VAL A 210 1.82 1.40 -11.39
CA VAL A 210 1.16 0.23 -11.95
C VAL A 210 -0.35 0.42 -11.88
N ALA A 211 -0.81 1.23 -10.92
CA ALA A 211 -2.21 1.65 -10.86
C ALA A 211 -2.31 2.87 -9.97
N TYR A 212 -3.19 3.77 -10.38
CA TYR A 212 -3.36 5.08 -9.75
C TYR A 212 -4.85 5.31 -9.55
N ALA A 213 -5.31 5.22 -8.31
CA ALA A 213 -6.74 5.33 -8.01
C ALA A 213 -6.95 6.57 -7.21
N MET A 214 -7.86 7.42 -7.68
CA MET A 214 -8.18 8.62 -6.94
C MET A 214 -9.65 8.96 -6.93
N TRP A 215 -10.14 9.34 -5.76
CA TRP A 215 -11.55 9.66 -5.56
C TRP A 215 -11.74 11.10 -6.04
N PRO A 216 -12.87 11.41 -6.70
CA PRO A 216 -14.07 10.61 -6.99
C PRO A 216 -14.10 9.97 -8.36
N ASN A 217 -13.23 10.46 -9.26
CA ASN A 217 -13.36 10.30 -10.72
C ASN A 217 -12.61 9.11 -11.27
N GLU A 218 -11.58 8.67 -10.57
CA GLU A 218 -10.77 7.54 -11.00
C GLU A 218 -10.56 6.58 -9.83
N ALA A 219 -11.61 6.26 -9.08
CA ALA A 219 -11.48 5.56 -7.78
C ALA A 219 -11.32 4.06 -7.84
N ASP A 220 -11.57 3.47 -9.01
CA ASP A 220 -11.50 2.03 -9.20
C ASP A 220 -10.52 1.71 -10.30
N GLN A 221 -9.59 0.81 -10.01
CA GLN A 221 -8.61 0.41 -10.98
C GLN A 221 -8.35 -1.08 -10.88
N GLU A 222 -7.80 -1.63 -11.96
CA GLU A 222 -7.31 -3.00 -11.98
C GLU A 222 -6.07 -3.10 -12.84
N LEU A 223 -5.39 -4.22 -12.71
CA LEU A 223 -4.09 -4.44 -13.32
C LEU A 223 -3.76 -5.95 -13.30
N GLU A 224 -3.02 -6.43 -14.30
CA GLU A 224 -2.72 -7.85 -14.45
C GLU A 224 -1.22 -8.11 -14.55
N VAL A 225 -0.71 -9.01 -13.71
CA VAL A 225 0.71 -9.35 -13.75
C VAL A 225 0.92 -10.85 -13.70
N TYR A 226 1.86 -11.33 -14.51
CA TYR A 226 2.20 -12.74 -14.56
C TYR A 226 3.36 -12.97 -13.60
N LEU A 227 3.17 -13.87 -12.65
CA LEU A 227 4.08 -14.02 -11.52
C LEU A 227 4.53 -15.44 -11.41
N PHE A 228 5.67 -15.63 -10.76
CA PHE A 228 6.25 -16.94 -10.57
C PHE A 228 6.32 -17.30 -9.11
N GLU A 229 6.02 -18.56 -8.83
CA GLU A 229 5.95 -19.11 -7.49
C GLU A 229 7.23 -18.88 -6.68
N ASP A 230 8.39 -19.03 -7.31
CA ASP A 230 9.66 -18.93 -6.56
C ASP A 230 10.11 -17.50 -6.16
N SER A 231 9.30 -16.48 -6.51
CA SER A 231 9.75 -15.08 -6.43
C SER A 231 9.03 -14.21 -5.42
N TYR A 232 9.83 -13.40 -4.74
CA TYR A 232 9.36 -12.32 -3.90
C TYR A 232 9.36 -11.03 -4.68
N TYR A 233 8.18 -10.41 -4.85
CA TYR A 233 8.04 -9.19 -5.68
C TYR A 233 7.92 -7.98 -4.81
N PRO A 234 8.87 -7.01 -4.94
CA PRO A 234 8.75 -5.73 -4.25
C PRO A 234 7.39 -5.12 -4.51
N ILE A 235 6.72 -4.71 -3.43
CA ILE A 235 5.41 -4.10 -3.52
C ILE A 235 5.35 -2.85 -2.61
N ARG A 236 4.72 -1.79 -3.13
CA ARG A 236 4.65 -0.51 -2.48
C ARG A 236 3.25 0.05 -2.66
N LEU A 237 2.55 0.19 -1.54
CA LEU A 237 1.22 0.72 -1.54
C LEU A 237 1.24 2.03 -0.79
N PHE A 238 0.75 3.06 -1.46
CA PHE A 238 0.63 4.40 -0.91
C PHE A 238 -0.86 4.67 -0.73
N TYR A 239 -1.25 5.18 0.44
CA TYR A 239 -2.63 5.57 0.72
C TYR A 239 -2.75 6.97 1.35
N ASN A 240 -3.74 7.73 0.93
CA ASN A 240 -4.09 9.00 1.58
C ASN A 240 -5.58 9.19 1.75
N ASN A 241 -5.95 9.64 2.94
CA ASN A 241 -7.27 10.23 3.18
C ASN A 241 -7.13 11.71 3.46
N ARG A 242 -7.78 12.54 2.66
CA ARG A 242 -7.74 14.01 2.85
C ARG A 242 -8.76 14.52 3.88
N ASP A 243 -9.81 13.74 4.11
CA ASP A 243 -11.00 14.19 4.79
C ASP A 243 -12.01 13.06 4.92
N TYR A 244 -12.66 12.92 6.08
CA TYR A 244 -13.91 12.16 6.17
C TYR A 244 -13.72 10.68 5.84
N HIS A 245 -14.55 10.12 4.97
CA HIS A 245 -14.55 8.69 4.72
C HIS A 245 -13.25 8.21 4.10
N SER A 246 -12.99 6.93 4.33
CA SER A 246 -11.72 6.31 4.03
C SER A 246 -11.98 4.91 3.53
N LYS A 247 -11.45 4.61 2.35
CA LYS A 247 -11.51 3.29 1.72
C LYS A 247 -10.14 2.92 1.18
N PHE A 248 -9.58 1.81 1.67
CA PHE A 248 -8.32 1.26 1.17
C PHE A 248 -8.64 -0.19 0.91
N MET A 249 -9.01 -0.49 -0.31
CA MET A 249 -9.33 -1.87 -0.67
C MET A 249 -8.43 -2.34 -1.78
N VAL A 250 -7.61 -3.33 -1.45
CA VAL A 250 -6.69 -3.89 -2.41
C VAL A 250 -6.96 -5.38 -2.41
N GLY A 251 -7.49 -5.88 -3.51
CA GLY A 251 -7.84 -7.29 -3.63
C GLY A 251 -7.20 -7.91 -4.86
N PHE A 252 -7.24 -9.24 -4.95
CA PHE A 252 -6.70 -9.94 -6.13
C PHE A 252 -7.40 -11.25 -6.46
N TYR A 253 -7.29 -11.61 -7.73
CA TYR A 253 -7.75 -12.90 -8.24
C TYR A 253 -6.49 -13.68 -8.61
N PRO A 254 -6.23 -14.80 -7.92
CA PRO A 254 -5.16 -15.68 -8.33
C PRO A 254 -5.54 -16.37 -9.66
N PRO A 255 -4.61 -17.17 -10.21
CA PRO A 255 -4.89 -17.77 -11.49
C PRO A 255 -6.16 -18.63 -11.50
N ASN A 256 -6.87 -18.59 -12.62
CA ASN A 256 -8.09 -19.38 -12.81
C ASN A 256 -9.13 -19.21 -11.69
N THR A 257 -9.22 -18.03 -11.10
CA THR A 257 -10.12 -17.81 -9.97
C THR A 257 -10.99 -16.61 -10.32
N GLU A 258 -12.30 -16.77 -10.18
CA GLU A 258 -13.24 -15.74 -10.58
C GLU A 258 -13.68 -14.88 -9.39
N GLU A 259 -13.49 -15.39 -8.19
CA GLU A 259 -13.91 -14.73 -6.95
C GLU A 259 -12.71 -13.96 -6.37
N ILE A 260 -12.91 -12.69 -6.04
CA ILE A 260 -11.82 -11.85 -5.52
C ILE A 260 -11.54 -12.23 -4.07
N THR A 261 -10.32 -11.98 -3.62
CA THR A 261 -10.01 -12.05 -2.19
C THR A 261 -9.30 -10.76 -1.70
N TYR A 262 -9.57 -10.42 -0.45
CA TYR A 262 -8.98 -9.27 0.22
C TYR A 262 -8.06 -9.74 1.37
N ASP A 263 -7.81 -11.05 1.42
CA ASP A 263 -6.97 -11.67 2.46
C ASP A 263 -5.61 -12.02 1.84
N PHE A 264 -4.55 -11.41 2.38
CA PHE A 264 -3.21 -11.64 1.87
C PHE A 264 -2.46 -12.66 2.70
N ASP A 265 -3.14 -13.36 3.60
CA ASP A 265 -2.41 -14.32 4.45
C ASP A 265 -1.65 -15.32 3.57
N GLY A 266 -0.36 -15.49 3.86
CA GLY A 266 0.54 -16.37 3.10
C GLY A 266 1.13 -15.80 1.82
N TYR A 267 0.85 -14.54 1.51
CA TYR A 267 1.38 -13.89 0.30
C TYR A 267 2.38 -12.79 0.57
N LEU A 268 2.44 -12.30 1.82
CA LEU A 268 3.19 -11.07 2.17
C LEU A 268 4.39 -11.40 3.04
N TYR A 269 5.54 -10.81 2.66
CA TYR A 269 6.81 -11.17 3.27
C TYR A 269 7.78 -10.03 3.28
N MET A 270 8.81 -10.15 4.12
CA MET A 270 9.88 -9.20 4.16
C MET A 270 11.23 -9.94 4.12
N LEU A 271 12.10 -9.47 3.24
CA LEU A 271 13.46 -9.94 3.13
C LEU A 271 14.36 -8.97 3.87
N ASP A 272 15.42 -9.50 4.47
CA ASP A 272 16.46 -8.67 5.12
C ASP A 272 17.16 -7.74 4.14
N ASP A 273 17.43 -6.51 4.60
CA ASP A 273 18.02 -5.45 3.79
C ASP A 273 19.56 -5.49 3.79
N THR A 274 20.11 -6.27 2.87
CA THR A 274 21.55 -6.49 2.81
C THR A 274 22.16 -5.96 1.48
N GLY A 275 21.42 -5.09 0.79
CA GLY A 275 21.89 -4.35 -0.38
C GLY A 275 22.34 -5.10 -1.64
N ASN A 276 22.22 -6.43 -1.67
CA ASN A 276 22.96 -7.19 -2.69
C ASN A 276 22.12 -8.12 -3.56
N GLU A 277 20.92 -7.68 -3.93
CA GLU A 277 19.93 -8.54 -4.64
C GLU A 277 19.75 -9.90 -3.95
N CYS A 278 20.21 -9.97 -2.69
CA CYS A 278 20.01 -11.12 -1.81
C CYS A 278 20.71 -12.35 -2.38
#